data_4C1C
#
_entry.id   4C1C
#
_cell.length_a   53.160
_cell.length_b   61.530
_cell.length_c   69.520
_cell.angle_alpha   90.00
_cell.angle_beta   92.98
_cell.angle_gamma   90.00
#
_symmetry.space_group_name_H-M   'C 1 2 1'
#
loop_
_entity.id
_entity.type
_entity.pdbx_description
1 polymer 'BETA-LACTAMASE 2'
2 non-polymer GLYCEROL
3 non-polymer 'SULFATE ION'
4 non-polymer '1-(3-MERCAPTO-2-METHYL-PROPIONYL)-PYRROLIDINE-2-CARBOXYLIC ACID'
5 non-polymer 'ZINC ION'
6 water water
#
_entity_poly.entity_id   1
_entity_poly.type   'polypeptide(L)'
_entity_poly.pdbx_seq_one_letter_code
;SQKVEKTVIKNETGTISISQLNKNVWVHTELGSFNGEAVPSNGLVLNTSKGLVLVDSSWDDKLTKELIEMVEKKFQKRVT
DVIITHAHADRIGGIKTLKERGIKAHSTALTAELAKKNGYEEPLGDLQTVTNLKFGNMKVETFYPGKGHTEDNIVVWLPQ
YNILVGGCLVKSTSAKDLGNVADAYVNEWSTSIENVLKRYRNINAVVPGHGEVGDKGLLLHTLDLLK
;
_entity_poly.pdbx_strand_id   A
#
loop_
_chem_comp.id
_chem_comp.type
_chem_comp.name
_chem_comp.formula
GOL non-polymer GLYCEROL 'C3 H8 O3'
MCO non-polymer '1-(3-MERCAPTO-2-METHYL-PROPIONYL)-PYRROLIDINE-2-CARBOXYLIC ACID' 'C9 H15 N O3 S'
SO4 non-polymer 'SULFATE ION' 'O4 S -2'
ZN non-polymer 'ZINC ION' 'Zn 2'
#
# COMPACT_ATOMS: atom_id res chain seq x y z
CA LYS A 6 -6.10 15.65 10.86
C LYS A 6 -6.93 14.70 11.71
N THR A 7 -8.11 14.37 11.22
CA THR A 7 -9.00 13.47 11.93
C THR A 7 -8.44 12.05 11.99
N VAL A 8 -8.37 11.52 13.21
CA VAL A 8 -7.93 10.16 13.47
C VAL A 8 -9.02 9.45 14.23
N ILE A 9 -9.31 8.24 13.82
CA ILE A 9 -10.40 7.45 14.38
C ILE A 9 -9.93 6.03 14.58
N LYS A 10 -10.18 5.49 15.77
CA LYS A 10 -9.73 4.16 16.11
C LYS A 10 -10.86 3.20 16.41
N ASN A 11 -10.52 1.94 16.37
CA ASN A 11 -11.38 0.87 16.78
C ASN A 11 -11.34 0.79 18.31
N GLU A 12 -12.20 -0.01 18.92
CA GLU A 12 -12.26 0.03 20.37
C GLU A 12 -10.91 -0.34 20.97
N THR A 13 -10.29 -1.36 20.40
CA THR A 13 -8.96 -1.81 20.82
C THR A 13 -7.78 -0.88 20.60
N GLY A 14 -7.79 -0.11 19.52
CA GLY A 14 -6.64 0.71 19.11
C GLY A 14 -5.69 0.02 18.14
N THR A 15 -5.96 -1.23 17.83
CA THR A 15 -5.23 -1.95 16.83
C THR A 15 -5.54 -1.53 15.38
N ILE A 16 -6.59 -0.76 15.14
CA ILE A 16 -6.87 -0.24 13.79
C ILE A 16 -7.22 1.23 13.92
N SER A 17 -6.59 2.04 13.09
CA SER A 17 -6.77 3.47 13.12
C SER A 17 -6.86 3.94 11.69
N ILE A 18 -7.71 4.95 11.45
CA ILE A 18 -7.74 5.61 10.16
C ILE A 18 -7.49 7.08 10.38
N SER A 19 -6.69 7.65 9.49
N SER A 19 -6.67 7.64 9.51
CA SER A 19 -6.25 9.03 9.59
CA SER A 19 -6.27 9.04 9.60
C SER A 19 -6.53 9.73 8.28
C SER A 19 -6.55 9.72 8.28
N GLN A 20 -7.21 10.86 8.32
CA GLN A 20 -7.65 11.53 7.11
C GLN A 20 -6.53 12.36 6.47
N LEU A 21 -6.26 12.13 5.18
CA LEU A 21 -5.32 13.00 4.43
C LEU A 21 -6.07 14.12 3.70
N ASN A 22 -7.25 13.79 3.17
CA ASN A 22 -8.14 14.77 2.57
C ASN A 22 -9.57 14.23 2.54
N LYS A 23 -10.50 14.95 1.89
CA LYS A 23 -11.93 14.64 1.93
C LYS A 23 -12.27 13.20 1.58
N ASN A 24 -11.45 12.58 0.73
CA ASN A 24 -11.75 11.24 0.24
C ASN A 24 -10.62 10.23 0.40
N VAL A 25 -9.55 10.61 1.07
CA VAL A 25 -8.38 9.74 1.20
C VAL A 25 -7.96 9.64 2.66
N TRP A 26 -7.93 8.42 3.17
CA TRP A 26 -7.50 8.15 4.53
C TRP A 26 -6.40 7.09 4.51
N VAL A 27 -5.53 7.13 5.50
CA VAL A 27 -4.55 6.07 5.73
C VAL A 27 -5.11 5.12 6.78
N HIS A 28 -5.07 3.82 6.51
CA HIS A 28 -5.39 2.84 7.52
C HIS A 28 -4.14 2.24 8.10
N THR A 29 -4.12 2.08 9.42
CA THR A 29 -2.95 1.52 10.08
C THR A 29 -3.39 0.43 11.07
N GLU A 30 -2.77 -0.76 10.97
CA GLU A 30 -3.05 -1.86 11.90
C GLU A 30 -1.81 -2.41 12.55
N LEU A 31 -1.95 -2.77 13.82
CA LEU A 31 -0.88 -3.41 14.57
C LEU A 31 -0.98 -4.93 14.43
N GLY A 32 0.12 -5.55 14.00
CA GLY A 32 0.25 -7.00 14.05
C GLY A 32 1.27 -7.39 15.11
N SER A 33 1.02 -8.51 15.80
CA SER A 33 1.77 -8.88 17.00
C SER A 33 2.78 -10.01 16.77
N PHE A 34 4.06 -9.69 16.91
C GLU A 37 5.12 -6.21 18.50
N ALA A 38 4.40 -5.18 18.91
CA ALA A 38 3.39 -4.57 18.06
C ALA A 38 4.08 -3.93 16.86
N VAL A 39 3.63 -4.27 15.66
CA VAL A 39 4.26 -3.76 14.45
C VAL A 39 3.19 -3.14 13.57
N PRO A 40 3.24 -1.81 13.38
CA PRO A 40 2.21 -1.15 12.58
C PRO A 40 2.45 -1.27 11.08
N SER A 41 1.36 -1.26 10.32
CA SER A 41 1.37 -1.38 8.88
C SER A 41 0.33 -0.41 8.32
N ASN A 42 0.66 0.28 7.23
CA ASN A 42 -0.25 1.25 6.59
C ASN A 42 -0.77 0.83 5.22
N GLY A 43 -2.01 1.22 4.92
CA GLY A 43 -2.56 1.23 3.58
C GLY A 43 -3.42 2.46 3.41
N LEU A 44 -4.22 2.48 2.34
CA LEU A 44 -5.09 3.60 2.06
C LEU A 44 -6.56 3.17 1.99
N VAL A 45 -7.45 4.10 2.34
CA VAL A 45 -8.88 3.97 2.12
C VAL A 45 -9.29 5.11 1.20
N LEU A 46 -9.88 4.77 0.06
CA LEU A 46 -10.35 5.75 -0.91
C LEU A 46 -11.87 5.74 -0.89
N ASN A 47 -12.46 6.89 -0.55
CA ASN A 47 -13.90 7.00 -0.46
C ASN A 47 -14.38 7.55 -1.78
N THR A 48 -14.97 6.69 -2.60
CA THR A 48 -15.37 7.07 -3.95
C THR A 48 -16.89 7.04 -4.08
N SER A 49 -17.37 7.65 -5.14
CA SER A 49 -18.80 7.70 -5.38
C SER A 49 -19.40 6.33 -5.69
N LYS A 50 -18.57 5.31 -5.90
CA LYS A 50 -19.05 3.99 -6.29
C LYS A 50 -18.66 2.91 -5.30
N GLY A 51 -18.12 3.34 -4.17
CA GLY A 51 -17.74 2.42 -3.12
C GLY A 51 -16.39 2.78 -2.57
N LEU A 52 -15.95 2.01 -1.60
CA LEU A 52 -14.63 2.18 -1.00
C LEU A 52 -13.63 1.29 -1.70
N VAL A 53 -12.43 1.83 -1.90
CA VAL A 53 -11.33 1.08 -2.48
C VAL A 53 -10.19 1.15 -1.48
N LEU A 54 -9.60 0.00 -1.15
CA LEU A 54 -8.43 0.00 -0.29
C LEU A 54 -7.16 -0.21 -1.07
N VAL A 55 -6.08 0.42 -0.62
CA VAL A 55 -4.75 0.01 -1.00
C VAL A 55 -4.21 -0.82 0.17
N ASP A 56 -4.06 -2.09 -0.10
CA ASP A 56 -3.59 -3.15 0.83
C ASP A 56 -4.64 -3.60 1.84
N SER A 57 -4.54 -4.85 2.25
CA SER A 57 -5.36 -5.39 3.31
C SER A 57 -4.61 -5.23 4.62
N SER A 58 -4.53 -6.30 5.39
CA SER A 58 -3.82 -6.27 6.66
C SER A 58 -3.22 -7.62 6.97
N TRP A 59 -2.58 -7.71 8.13
CA TRP A 59 -1.75 -8.84 8.53
C TRP A 59 -2.47 -10.18 8.49
N ASP A 60 -3.78 -10.16 8.72
CA ASP A 60 -4.53 -11.41 8.76
C ASP A 60 -5.99 -11.15 8.46
N ASP A 61 -6.76 -12.22 8.46
CA ASP A 61 -8.16 -12.10 8.16
C ASP A 61 -8.95 -11.39 9.25
N LYS A 62 -8.63 -11.64 10.51
CA LYS A 62 -9.35 -10.97 11.61
C LYS A 62 -9.27 -9.44 11.51
N LEU A 63 -8.05 -8.94 11.28
CA LEU A 63 -7.87 -7.50 11.17
C LEU A 63 -8.51 -6.96 9.89
N THR A 64 -8.42 -7.71 8.79
CA THR A 64 -8.99 -7.26 7.54
C THR A 64 -10.51 -7.15 7.67
N LYS A 65 -11.15 -8.13 8.29
CA LYS A 65 -12.59 -8.07 8.51
C LYS A 65 -12.95 -6.84 9.33
N GLU A 66 -12.20 -6.59 10.40
CA GLU A 66 -12.50 -5.45 11.24
C GLU A 66 -12.30 -4.12 10.51
N LEU A 67 -11.25 -4.03 9.72
CA LEU A 67 -11.01 -2.83 8.93
C LEU A 67 -12.18 -2.57 7.97
N ILE A 68 -12.56 -3.59 7.22
CA ILE A 68 -13.67 -3.44 6.29
C ILE A 68 -14.94 -2.99 7.01
N GLU A 69 -15.24 -3.63 8.12
CA GLU A 69 -16.46 -3.32 8.85
C GLU A 69 -16.44 -1.88 9.37
N MET A 70 -15.29 -1.42 9.83
N MET A 70 -15.29 -1.43 9.83
CA MET A 70 -15.17 -0.06 10.32
CA MET A 70 -15.16 -0.07 10.32
C MET A 70 -15.44 0.96 9.22
C MET A 70 -15.46 0.94 9.22
N VAL A 71 -14.83 0.77 8.06
CA VAL A 71 -14.95 1.77 7.01
C VAL A 71 -16.32 1.71 6.31
N GLU A 72 -16.90 0.51 6.16
CA GLU A 72 -18.23 0.41 5.58
C GLU A 72 -19.25 1.13 6.46
N LYS A 73 -19.13 0.97 7.77
CA LYS A 73 -20.04 1.62 8.69
C LYS A 73 -19.86 3.13 8.64
N LYS A 74 -18.61 3.58 8.66
CA LYS A 74 -18.36 5.00 8.73
C LYS A 74 -18.78 5.73 7.46
N PHE A 75 -18.36 5.20 6.31
CA PHE A 75 -18.57 5.88 5.04
C PHE A 75 -19.89 5.48 4.36
N GLN A 76 -20.57 4.49 4.92
CA GLN A 76 -21.90 4.10 4.46
C GLN A 76 -21.90 3.67 3.00
N LYS A 77 -20.93 2.83 2.66
CA LYS A 77 -20.88 2.20 1.35
C LYS A 77 -20.00 0.98 1.48
N ARG A 78 -19.97 0.15 0.43
CA ARG A 78 -19.27 -1.11 0.52
C ARG A 78 -17.83 -0.97 0.02
N VAL A 79 -16.94 -1.78 0.58
CA VAL A 79 -15.62 -1.98 -0.02
C VAL A 79 -15.78 -2.86 -1.26
N THR A 80 -15.35 -2.35 -2.40
CA THR A 80 -15.53 -3.05 -3.65
C THR A 80 -14.25 -3.65 -4.22
N ASP A 81 -13.11 -3.01 -3.93
CA ASP A 81 -11.83 -3.34 -4.57
C ASP A 81 -10.71 -3.08 -3.59
N VAL A 82 -9.66 -3.88 -3.70
CA VAL A 82 -8.41 -3.68 -2.95
C VAL A 82 -7.27 -3.84 -3.95
N ILE A 83 -6.24 -3.01 -3.83
CA ILE A 83 -5.00 -3.13 -4.59
C ILE A 83 -3.94 -3.71 -3.63
N ILE A 84 -3.38 -4.85 -4.01
CA ILE A 84 -2.37 -5.54 -3.21
C ILE A 84 -1.00 -5.19 -3.79
N THR A 85 -0.11 -4.60 -2.98
CA THR A 85 1.10 -4.02 -3.51
C THR A 85 2.34 -4.92 -3.43
N HIS A 86 2.29 -6.01 -2.67
CA HIS A 86 3.23 -7.11 -2.80
C HIS A 86 2.69 -8.28 -1.99
N ALA A 87 3.37 -9.41 -2.12
N ALA A 87 3.37 -9.42 -2.03
CA ALA A 87 2.95 -10.67 -1.52
CA ALA A 87 2.80 -10.66 -1.49
C ALA A 87 3.67 -10.98 -0.18
C ALA A 87 3.16 -11.02 -0.04
N HIS A 88 3.64 -10.04 0.73
CA HIS A 88 3.95 -10.28 2.15
C HIS A 88 2.65 -10.19 2.98
N ALA A 89 2.66 -10.77 4.16
CA ALA A 89 1.47 -10.92 5.00
C ALA A 89 0.79 -9.60 5.37
N ASP A 90 1.56 -8.56 5.63
CA ASP A 90 0.99 -7.27 5.97
C ASP A 90 0.12 -6.71 4.86
N ARG A 91 0.47 -7.04 3.61
CA ARG A 91 -0.26 -6.57 2.45
C ARG A 91 -1.45 -7.48 2.08
N ILE A 92 -1.17 -8.78 2.07
CA ILE A 92 -2.08 -9.78 1.49
C ILE A 92 -2.73 -10.74 2.47
N GLY A 93 -2.46 -10.56 3.76
CA GLY A 93 -2.89 -11.51 4.76
C GLY A 93 -4.39 -11.67 4.85
N GLY A 94 -5.15 -10.67 4.40
CA GLY A 94 -6.61 -10.77 4.40
C GLY A 94 -7.24 -11.22 3.10
N ILE A 95 -6.47 -11.79 2.19
CA ILE A 95 -7.02 -12.14 0.89
C ILE A 95 -8.19 -13.12 0.95
N LYS A 96 -8.17 -14.07 1.88
CA LYS A 96 -9.28 -15.00 1.98
C LYS A 96 -10.59 -14.26 2.25
N THR A 97 -10.54 -13.29 3.16
CA THR A 97 -11.69 -12.46 3.46
C THR A 97 -12.17 -11.70 2.24
N LEU A 98 -11.25 -11.12 1.49
CA LEU A 98 -11.63 -10.35 0.31
C LEU A 98 -12.35 -11.26 -0.66
N LYS A 99 -11.78 -12.42 -0.95
CA LYS A 99 -12.38 -13.27 -1.98
C LYS A 99 -13.73 -13.77 -1.56
N GLU A 100 -13.90 -14.17 -0.30
CA GLU A 100 -15.18 -14.74 0.11
C GLU A 100 -16.29 -13.69 0.21
N ARG A 101 -15.95 -12.42 0.37
CA ARG A 101 -16.90 -11.31 0.36
C ARG A 101 -17.16 -10.73 -1.02
N GLY A 102 -16.47 -11.23 -2.05
CA GLY A 102 -16.66 -10.70 -3.38
C GLY A 102 -16.04 -9.34 -3.60
N ILE A 103 -14.98 -9.05 -2.85
CA ILE A 103 -14.17 -7.85 -3.01
C ILE A 103 -13.07 -8.16 -4.00
N LYS A 104 -12.96 -7.38 -5.07
CA LYS A 104 -11.94 -7.62 -6.12
C LYS A 104 -10.56 -7.30 -5.58
N ALA A 105 -9.63 -8.23 -5.71
CA ALA A 105 -8.27 -8.06 -5.21
C ALA A 105 -7.31 -7.94 -6.39
N HIS A 106 -6.93 -6.73 -6.72
CA HIS A 106 -6.07 -6.46 -7.86
C HIS A 106 -4.61 -6.64 -7.47
N SER A 107 -3.80 -7.10 -8.43
CA SER A 107 -2.37 -7.26 -8.21
C SER A 107 -1.72 -7.44 -9.55
N THR A 108 -0.40 -7.33 -9.58
CA THR A 108 0.32 -7.78 -10.76
C THR A 108 0.28 -9.31 -10.85
N ALA A 109 0.59 -9.83 -12.03
CA ALA A 109 0.72 -11.27 -12.22
C ALA A 109 1.82 -11.85 -11.34
N LEU A 110 2.92 -11.14 -11.19
CA LEU A 110 4.03 -11.65 -10.37
C LEU A 110 3.59 -11.73 -8.91
N THR A 111 2.92 -10.71 -8.39
CA THR A 111 2.39 -10.78 -7.02
C THR A 111 1.47 -11.97 -6.85
N ALA A 112 0.61 -12.24 -7.84
CA ALA A 112 -0.31 -13.38 -7.74
C ALA A 112 0.47 -14.70 -7.72
N GLU A 113 1.53 -14.78 -8.55
N GLU A 113 1.50 -14.83 -8.54
CA GLU A 113 2.36 -15.99 -8.69
CA GLU A 113 2.27 -16.05 -8.54
C GLU A 113 3.07 -16.27 -7.36
C GLU A 113 2.93 -16.27 -7.20
N LEU A 114 3.59 -15.22 -6.72
CA LEU A 114 4.25 -15.35 -5.43
C LEU A 114 3.25 -15.67 -4.33
N ALA A 115 2.07 -15.07 -4.37
CA ALA A 115 1.04 -15.39 -3.38
C ALA A 115 0.74 -16.90 -3.43
N LYS A 116 0.54 -17.43 -4.64
CA LYS A 116 0.21 -18.85 -4.83
C LYS A 116 1.33 -19.73 -4.33
N LYS A 117 2.56 -19.37 -4.69
CA LYS A 117 3.72 -20.12 -4.27
C LYS A 117 3.79 -20.23 -2.76
N ASN A 118 3.38 -19.16 -2.07
CA ASN A 118 3.47 -19.10 -0.62
C ASN A 118 2.19 -19.49 0.13
N GLY A 119 1.26 -20.06 -0.61
CA GLY A 119 0.08 -20.67 0.01
C GLY A 119 -1.07 -19.74 0.28
N TYR A 120 -1.03 -18.52 -0.25
CA TYR A 120 -2.16 -17.60 -0.13
C TYR A 120 -3.11 -17.78 -1.30
N GLU A 121 -4.37 -17.42 -1.08
CA GLU A 121 -5.30 -17.35 -2.20
C GLU A 121 -4.83 -16.26 -3.15
N GLU A 122 -5.19 -16.41 -4.41
CA GLU A 122 -4.59 -15.56 -5.43
C GLU A 122 -5.41 -14.31 -5.74
N PRO A 123 -4.75 -13.17 -5.79
CA PRO A 123 -5.39 -11.99 -6.36
C PRO A 123 -5.45 -12.09 -7.88
N LEU A 124 -5.97 -11.06 -8.52
CA LEU A 124 -6.37 -11.17 -9.93
C LEU A 124 -5.22 -11.21 -10.92
N GLY A 125 -4.07 -10.65 -10.59
CA GLY A 125 -2.98 -10.64 -11.56
C GLY A 125 -3.27 -9.79 -12.79
N ASP A 126 -4.08 -8.75 -12.62
CA ASP A 126 -4.56 -7.90 -13.69
C ASP A 126 -3.72 -6.64 -13.94
N LEU A 127 -2.89 -6.24 -12.99
CA LEU A 127 -2.13 -5.00 -13.12
C LEU A 127 -0.87 -5.23 -13.94
N GLN A 128 -0.60 -4.29 -14.84
CA GLN A 128 0.55 -4.30 -15.71
C GLN A 128 1.67 -3.44 -15.11
N THR A 129 2.67 -3.08 -15.88
CA THR A 129 3.70 -2.21 -15.33
C THR A 129 3.13 -0.85 -14.99
N VAL A 130 2.28 -0.32 -15.87
CA VAL A 130 1.50 0.88 -15.58
C VAL A 130 0.05 0.51 -15.81
N THR A 131 -0.81 0.72 -14.81
CA THR A 131 -2.25 0.51 -15.00
C THR A 131 -2.98 1.72 -14.45
N ASN A 132 -3.95 2.21 -15.23
CA ASN A 132 -4.79 3.32 -14.80
C ASN A 132 -6.19 2.82 -14.57
N LEU A 133 -6.67 3.05 -13.35
CA LEU A 133 -7.99 2.62 -12.91
C LEU A 133 -8.81 3.85 -12.55
N LYS A 134 -10.13 3.72 -12.59
CA LYS A 134 -11.00 4.79 -12.13
C LYS A 134 -12.15 4.16 -11.40
N PHE A 135 -12.40 4.67 -10.19
CA PHE A 135 -13.47 4.19 -9.34
C PHE A 135 -14.35 5.39 -9.02
N GLY A 136 -15.54 5.44 -9.60
CA GLY A 136 -16.32 6.65 -9.50
C GLY A 136 -15.51 7.75 -10.13
N ASN A 137 -15.26 8.83 -9.39
CA ASN A 137 -14.42 9.90 -9.92
C ASN A 137 -12.97 9.81 -9.45
N MET A 138 -12.63 8.76 -8.69
CA MET A 138 -11.28 8.62 -8.13
C MET A 138 -10.35 7.93 -9.12
N LYS A 139 -9.30 8.63 -9.55
CA LYS A 139 -8.31 8.07 -10.46
C LYS A 139 -7.19 7.43 -9.65
N VAL A 140 -6.78 6.25 -10.07
CA VAL A 140 -5.68 5.52 -9.41
C VAL A 140 -4.75 4.97 -10.45
N GLU A 141 -3.46 5.24 -10.31
CA GLU A 141 -2.47 4.65 -11.20
C GLU A 141 -1.63 3.68 -10.37
N THR A 142 -1.34 2.49 -10.90
CA THR A 142 -0.38 1.58 -10.27
C THR A 142 0.86 1.53 -11.15
N PHE A 143 2.03 1.41 -10.50
CA PHE A 143 3.30 1.44 -11.22
C PHE A 143 4.25 0.44 -10.59
N TYR A 144 4.78 -0.46 -11.42
CA TYR A 144 5.86 -1.34 -11.01
C TYR A 144 7.19 -0.71 -11.39
N PRO A 145 7.98 -0.25 -10.38
CA PRO A 145 9.20 0.50 -10.68
C PRO A 145 10.43 -0.38 -10.80
N GLY A 146 10.28 -1.66 -10.53
CA GLY A 146 11.41 -2.59 -10.43
C GLY A 146 11.53 -3.19 -9.04
N LYS A 147 12.50 -4.08 -8.90
CA LYS A 147 12.70 -4.82 -7.68
C LYS A 147 13.28 -3.92 -6.59
N GLY A 148 12.94 -4.22 -5.34
CA GLY A 148 13.47 -3.43 -4.24
C GLY A 148 13.29 -4.13 -2.94
N HIS A 149 12.32 -3.68 -2.15
CA HIS A 149 11.96 -4.37 -0.92
C HIS A 149 11.59 -5.84 -1.19
N THR A 150 10.84 -6.07 -2.26
CA THR A 150 10.62 -7.39 -2.81
C THR A 150 10.76 -7.31 -4.33
N GLU A 151 10.73 -8.46 -4.99
N GLU A 151 10.69 -8.47 -4.95
CA GLU A 151 10.81 -8.48 -6.45
CA GLU A 151 10.76 -8.59 -6.39
C GLU A 151 9.58 -7.83 -7.11
C GLU A 151 9.57 -7.95 -7.11
N ASP A 152 8.44 -7.87 -6.43
CA ASP A 152 7.15 -7.55 -6.99
C ASP A 152 6.55 -6.22 -6.57
N ASN A 153 7.18 -5.51 -5.64
CA ASN A 153 6.56 -4.32 -5.09
C ASN A 153 6.11 -3.31 -6.13
N ILE A 154 4.89 -2.79 -5.96
CA ILE A 154 4.37 -1.71 -6.77
C ILE A 154 4.07 -0.51 -5.90
N VAL A 155 3.97 0.66 -6.53
CA VAL A 155 3.50 1.87 -5.88
C VAL A 155 2.15 2.26 -6.49
N VAL A 156 1.43 3.09 -5.77
CA VAL A 156 0.12 3.55 -6.19
C VAL A 156 0.12 5.07 -6.14
N TRP A 157 -0.38 5.69 -7.18
CA TRP A 157 -0.38 7.13 -7.35
C TRP A 157 -1.80 7.62 -7.53
N LEU A 158 -2.13 8.70 -6.82
CA LEU A 158 -3.45 9.35 -6.97
C LEU A 158 -3.19 10.69 -7.65
N PRO A 159 -3.38 10.77 -8.98
CA PRO A 159 -2.99 11.97 -9.71
C PRO A 159 -3.84 13.20 -9.39
N GLN A 160 -5.02 13.03 -8.79
CA GLN A 160 -5.84 14.20 -8.46
C GLN A 160 -5.36 14.88 -7.19
N TYR A 161 -4.43 14.25 -6.49
CA TYR A 161 -3.94 14.73 -5.20
C TYR A 161 -2.40 14.72 -5.11
N ASN A 162 -1.75 14.12 -6.12
CA ASN A 162 -0.28 13.90 -6.12
C ASN A 162 0.17 13.23 -4.83
N ILE A 163 -0.61 12.21 -4.43
CA ILE A 163 -0.27 11.37 -3.30
C ILE A 163 0.30 10.05 -3.81
N LEU A 164 1.47 9.68 -3.28
CA LEU A 164 2.10 8.42 -3.60
C LEU A 164 1.99 7.48 -2.42
N VAL A 165 1.49 6.27 -2.68
CA VAL A 165 1.59 5.18 -1.74
C VAL A 165 2.84 4.40 -2.07
N GLY A 166 3.88 4.61 -1.29
CA GLY A 166 5.15 3.96 -1.54
C GLY A 166 5.16 2.50 -1.14
N GLY A 167 4.31 2.15 -0.18
CA GLY A 167 4.34 0.81 0.37
C GLY A 167 5.70 0.52 0.98
N CYS A 168 6.05 -0.76 1.03
CA CYS A 168 7.20 -1.15 1.78
C CYS A 168 8.53 -0.95 1.05
N LEU A 169 8.43 -0.55 -0.22
CA LEU A 169 9.55 -0.01 -0.99
C LEU A 169 10.14 1.25 -0.36
N VAL A 170 9.33 2.00 0.39
CA VAL A 170 9.71 3.30 0.88
C VAL A 170 9.73 3.25 2.39
N LYS A 171 10.89 3.64 2.95
CA LYS A 171 11.09 3.67 4.37
C LYS A 171 10.66 4.99 5.00
N SER A 172 10.06 4.89 6.18
CA SER A 172 9.71 6.08 6.95
C SER A 172 10.98 6.70 7.60
N THR A 173 10.85 7.93 8.04
N THR A 173 10.84 7.93 8.04
CA THR A 173 11.95 8.62 8.70
CA THR A 173 11.92 8.63 8.72
C THR A 173 12.42 7.84 9.92
C THR A 173 12.42 7.85 9.94
N SER A 174 11.50 7.17 10.62
CA SER A 174 11.84 6.43 11.83
C SER A 174 12.63 5.16 11.56
N ALA A 175 12.59 4.67 10.33
CA ALA A 175 13.38 3.51 9.95
C ALA A 175 14.82 3.93 9.79
N LYS A 176 15.71 3.31 10.56
CA LYS A 176 17.14 3.64 10.54
C LYS A 176 18.01 2.61 9.83
N ASP A 177 17.39 1.59 9.27
CA ASP A 177 18.09 0.59 8.48
C ASP A 177 17.10 -0.03 7.52
N LEU A 178 17.55 -0.95 6.67
CA LEU A 178 16.68 -1.48 5.61
C LEU A 178 15.67 -2.50 6.10
N GLY A 179 15.83 -3.00 7.32
CA GLY A 179 14.85 -3.91 7.86
C GLY A 179 14.96 -5.28 7.22
N ASN A 180 13.81 -5.82 6.84
CA ASN A 180 13.75 -7.15 6.29
C ASN A 180 14.27 -7.20 4.86
N VAL A 181 15.46 -7.76 4.66
CA VAL A 181 16.03 -7.85 3.31
C VAL A 181 16.08 -9.27 2.77
N ALA A 182 15.39 -10.18 3.45
CA ALA A 182 15.37 -11.57 3.03
C ALA A 182 14.86 -11.72 1.60
N ASP A 183 13.86 -10.93 1.25
CA ASP A 183 13.26 -11.02 -0.06
C ASP A 183 13.62 -9.85 -0.95
N ALA A 184 14.63 -9.06 -0.55
CA ALA A 184 14.94 -7.80 -1.18
C ALA A 184 16.06 -7.92 -2.21
N TYR A 185 16.17 -6.88 -3.01
CA TYR A 185 17.14 -6.75 -4.09
C TYR A 185 17.87 -5.46 -3.86
N VAL A 186 18.88 -5.50 -3.01
CA VAL A 186 19.43 -4.27 -2.51
C VAL A 186 20.30 -3.53 -3.51
N ASN A 187 20.74 -4.22 -4.57
N ASN A 187 20.63 -4.07 -4.66
CA ASN A 187 21.50 -3.59 -5.64
CA ASN A 187 21.19 -3.22 -5.69
C ASN A 187 20.61 -2.98 -6.73
C ASN A 187 20.09 -2.47 -6.46
N GLU A 188 19.30 -3.27 -6.69
N GLU A 188 19.12 -3.23 -6.92
CA GLU A 188 18.30 -2.78 -7.65
CA GLU A 188 18.09 -2.68 -7.76
C GLU A 188 17.30 -1.79 -7.04
C GLU A 188 17.29 -1.65 -7.03
N TRP A 189 17.19 -1.79 -5.72
CA TRP A 189 16.25 -0.98 -4.96
C TRP A 189 16.44 0.53 -5.21
N SER A 190 17.70 0.97 -5.31
N SER A 190 17.70 0.98 -5.30
CA SER A 190 17.95 2.38 -5.57
CA SER A 190 17.91 2.41 -5.55
C SER A 190 17.45 2.81 -6.94
C SER A 190 17.45 2.82 -6.95
N THR A 191 17.69 1.98 -7.95
CA THR A 191 17.21 2.27 -9.31
C THR A 191 15.68 2.32 -9.33
N SER A 192 15.05 1.44 -8.60
CA SER A 192 13.60 1.40 -8.53
C SER A 192 13.03 2.68 -7.89
N ILE A 193 13.66 3.12 -6.80
N ILE A 193 13.67 3.14 -6.82
CA ILE A 193 13.29 4.41 -6.19
CA ILE A 193 13.25 4.41 -6.24
C ILE A 193 13.51 5.55 -7.19
C ILE A 193 13.50 5.58 -7.20
N GLU A 194 14.64 5.58 -7.87
CA GLU A 194 14.88 6.58 -8.90
C GLU A 194 13.82 6.56 -9.99
N ASN A 195 13.34 5.38 -10.35
CA ASN A 195 12.27 5.30 -11.34
C ASN A 195 10.97 5.96 -10.83
N VAL A 196 10.68 5.82 -9.56
CA VAL A 196 9.54 6.50 -8.95
C VAL A 196 9.74 8.01 -8.98
N LEU A 197 10.94 8.48 -8.58
CA LEU A 197 11.25 9.91 -8.58
C LEU A 197 11.19 10.50 -9.99
N LYS A 198 11.56 9.73 -11.00
CA LYS A 198 11.51 10.21 -12.39
C LYS A 198 10.08 10.26 -12.90
N ARG A 199 9.21 9.36 -12.45
CA ARG A 199 7.86 9.31 -12.97
C ARG A 199 7.00 10.39 -12.32
N TYR A 200 7.20 10.59 -11.03
CA TYR A 200 6.37 11.51 -10.25
C TYR A 200 7.25 12.64 -9.71
N ARG A 201 7.35 13.71 -10.50
N ARG A 201 7.38 13.72 -10.49
CA ARG A 201 8.29 14.80 -10.24
CA ARG A 201 8.34 14.77 -10.14
C ARG A 201 7.75 15.88 -9.30
C ARG A 201 7.78 15.78 -9.15
N ASN A 202 6.45 15.79 -9.00
CA ASN A 202 5.79 16.73 -8.10
C ASN A 202 4.87 15.96 -7.15
N ILE A 203 5.36 15.68 -5.94
CA ILE A 203 4.66 14.84 -4.98
C ILE A 203 4.27 15.61 -3.74
N ASN A 204 3.00 15.48 -3.33
N ASN A 204 3.04 15.44 -3.31
CA ASN A 204 2.46 16.19 -2.16
CA ASN A 204 2.68 15.91 -1.99
C ASN A 204 2.60 15.39 -0.86
C ASN A 204 3.05 14.78 -1.00
N ALA A 205 2.44 14.08 -0.94
N ALA A 205 2.07 14.16 -0.38
CA ALA A 205 2.56 13.24 0.23
CA ALA A 205 2.37 13.12 0.60
C ALA A 205 3.00 11.85 -0.17
C ALA A 205 2.90 11.86 -0.05
N VAL A 206 3.79 11.20 0.69
CA VAL A 206 4.23 9.84 0.44
C VAL A 206 3.87 9.01 1.67
N VAL A 207 3.12 7.92 1.42
CA VAL A 207 2.72 7.01 2.48
C VAL A 207 3.63 5.78 2.46
N PRO A 208 4.47 5.60 3.49
CA PRO A 208 5.33 4.40 3.54
C PRO A 208 4.51 3.21 4.03
N GLY A 209 5.03 2.00 3.86
CA GLY A 209 4.34 0.81 4.31
C GLY A 209 4.26 0.71 5.82
N HIS A 210 5.25 1.29 6.52
CA HIS A 210 5.35 1.25 7.98
C HIS A 210 5.84 2.63 8.40
N GLY A 211 5.18 3.27 9.35
CA GLY A 211 5.63 4.53 9.88
C GLY A 211 4.80 5.72 9.43
N GLU A 212 5.29 6.92 9.75
N GLU A 212 5.30 6.92 9.73
CA GLU A 212 4.54 8.14 9.52
CA GLU A 212 4.55 8.13 9.52
C GLU A 212 4.55 8.58 8.06
C GLU A 212 4.55 8.59 8.06
N VAL A 213 3.44 9.16 7.62
CA VAL A 213 3.36 9.79 6.33
C VAL A 213 4.41 10.90 6.23
N GLY A 214 4.99 11.06 5.05
CA GLY A 214 5.97 12.09 4.82
C GLY A 214 5.80 12.66 3.43
N ASP A 215 6.91 13.03 2.79
CA ASP A 215 6.88 13.59 1.45
C ASP A 215 8.01 12.96 0.63
N LYS A 216 8.44 13.62 -0.42
CA LYS A 216 9.49 13.09 -1.29
C LYS A 216 10.76 12.76 -0.49
N GLY A 217 10.94 13.46 0.63
CA GLY A 217 12.08 13.15 1.48
C GLY A 217 12.18 11.69 1.91
N LEU A 218 11.06 10.97 1.98
CA LEU A 218 11.12 9.55 2.34
C LEU A 218 11.81 8.75 1.23
N LEU A 219 11.64 9.16 -0.01
CA LEU A 219 12.33 8.49 -1.13
C LEU A 219 13.83 8.73 -1.00
N LEU A 220 14.23 9.97 -0.68
CA LEU A 220 15.64 10.27 -0.50
C LEU A 220 16.20 9.56 0.71
N HIS A 221 15.40 9.45 1.77
CA HIS A 221 15.83 8.70 2.95
C HIS A 221 16.11 7.24 2.59
N THR A 222 15.25 6.64 1.77
CA THR A 222 15.42 5.25 1.38
C THR A 222 16.70 5.11 0.58
N LEU A 223 16.95 6.03 -0.35
CA LEU A 223 18.22 6.03 -1.08
C LEU A 223 19.43 6.09 -0.14
N ASP A 224 19.34 6.90 0.90
CA ASP A 224 20.46 6.99 1.82
C ASP A 224 20.66 5.68 2.59
N LEU A 225 19.57 5.01 2.97
CA LEU A 225 19.68 3.75 3.71
C LEU A 225 20.29 2.64 2.86
N LEU A 226 20.21 2.79 1.53
CA LEU A 226 20.72 1.78 0.60
C LEU A 226 22.23 1.94 0.31
N LYS A 227 22.83 2.97 0.87
CA LYS A 227 24.27 3.20 0.66
C LYS A 227 25.13 2.32 1.58
C1 GOL B . -17.09 -13.56 5.55
O1 GOL B . -15.90 -12.79 5.57
C2 GOL B . -18.01 -13.37 6.77
O2 GOL B . -17.37 -12.76 7.88
C3 GOL B . -18.69 -14.66 7.22
O3 GOL B . -18.92 -15.55 6.16
C1 GOL C . 8.55 -13.53 -1.95
O1 GOL C . 8.18 -14.90 -1.95
C2 GOL C . 7.27 -12.70 -1.97
O2 GOL C . 6.53 -13.07 -0.83
C3 GOL C . 7.60 -11.19 -2.03
O3 GOL C . 6.44 -10.35 -2.03
S SO4 D . -9.75 15.25 -12.86
O1 SO4 D . -10.79 14.52 -13.59
O2 SO4 D . -8.47 14.57 -13.04
O3 SO4 D . -9.69 16.62 -13.40
O4 SO4 D . -10.09 15.30 -11.45
O2 MCO E . 9.46 -3.63 6.03
C9 MCO E . 10.40 -4.12 6.75
O3 MCO E . 11.57 -4.06 6.39
C8 MCO E . 10.09 -4.75 8.05
C7 MCO E . 10.06 -3.71 9.12
C6 MCO E . 8.65 -3.50 9.52
C5 MCO E . 7.84 -4.52 8.78
N MCO E . 8.77 -5.30 7.99
C4 MCO E . 8.42 -6.47 7.22
O1 MCO E . 9.25 -7.04 6.58
C2 MCO E . 6.99 -6.93 7.18
C3 MCO E . 6.77 -8.17 8.02
C1 MCO E . 6.62 -7.23 5.75
S MCO E . 6.90 -5.80 4.66
ZN ZN F . 5.35 -4.15 4.87
ZN ZN G . 7.03 -6.64 2.54
#